data_4XI2
#
_entry.id   4XI2
#
_cell.length_a   132.202
_cell.length_b   132.202
_cell.length_c   107.632
_cell.angle_alpha   90.00
_cell.angle_beta   90.00
_cell.angle_gamma   120.00
#
_symmetry.space_group_name_H-M   'P 31 2 1'
#
loop_
_entity.id
_entity.type
_entity.pdbx_description
1 polymer 'Tyrosine-protein kinase BTK'
2 non-polymer 'GOLD ION'
#
_entity_poly.entity_id   1
_entity_poly.type   'polypeptide(L)'
_entity_poly.pdbx_seq_one_letter_code
;TELKKVVALYDYMPMNANDLQLRKGEEYFILEESNLPWWRARDKNGQEGYIPSNYITEAEDSIEMYEWYSKHMTRSQAEQ
LLKQEGKEGGFIVRDSSKAGKYTVSVFAKSTGEPQGVIRHYVVCSTPQSQYYLAEKHLFSTIPELINYHQHNSAGLISRL
KYPVSKQNKNAPSTAGLGYGSWEIDPKDLTFLKELGTGQFGVVKYGKWRGQYDVAIKMIREGSMSEDEFIEEAKVMMNLS
HEKLVQLYGVCTKQRPIFIITEYMANGCLLNYLREMRHRFQTQQLLEMCKDVCEAMEYLESKQFLHRDLAARNCLVNDQG
VVKVSDFGLSRYVLDDEYTSSVGSKFPVRWSPPEVLMYSKFSSKSDIWAFGVLMWEIYSLGKMPYERFTNSETAEHIAQG
LRLYRPHLASERVYTIMYSCWHEKADERPSFKILLSNILDVMDEES
;
_entity_poly.pdbx_strand_id   A
#
# COMPACT_ATOMS: atom_id res chain seq x y z
N THR A 1 -0.36 -57.40 16.94
CA THR A 1 -1.45 -56.79 16.18
C THR A 1 -1.18 -56.95 14.67
N GLU A 2 -1.21 -55.85 13.93
CA GLU A 2 -1.08 -55.88 12.47
C GLU A 2 0.34 -56.29 12.06
N LEU A 3 0.46 -56.87 10.86
CA LEU A 3 1.75 -57.35 10.39
C LEU A 3 2.58 -56.27 9.72
N LYS A 4 3.85 -56.21 10.10
CA LYS A 4 4.81 -55.28 9.53
C LYS A 4 5.06 -55.58 8.06
N LYS A 5 4.88 -54.57 7.22
CA LYS A 5 5.04 -54.72 5.77
C LYS A 5 6.44 -54.25 5.34
N VAL A 6 6.98 -54.91 4.32
CA VAL A 6 8.29 -54.55 3.78
C VAL A 6 8.31 -54.68 2.25
N VAL A 7 9.31 -54.08 1.62
CA VAL A 7 9.49 -54.19 0.18
C VAL A 7 10.84 -54.83 -0.14
N ALA A 8 10.86 -55.71 -1.12
CA ALA A 8 12.09 -56.38 -1.53
C ALA A 8 12.95 -55.45 -2.39
N LEU A 9 14.15 -55.16 -1.90
CA LEU A 9 15.08 -54.28 -2.62
C LEU A 9 15.79 -55.03 -3.75
N TYR A 10 15.99 -56.33 -3.55
CA TYR A 10 16.64 -57.19 -4.53
C TYR A 10 15.86 -58.49 -4.68
N ASP A 11 16.03 -59.16 -5.83
CA ASP A 11 15.48 -60.49 -6.00
C ASP A 11 16.25 -61.47 -5.11
N TYR A 12 15.56 -62.51 -4.66
CA TYR A 12 16.22 -63.59 -3.95
C TYR A 12 15.61 -64.93 -4.31
N MET A 13 16.39 -65.76 -5.00
CA MET A 13 15.98 -67.12 -5.27
C MET A 13 16.22 -67.97 -4.02
N PRO A 14 15.21 -68.78 -3.63
CA PRO A 14 15.41 -69.65 -2.46
C PRO A 14 16.56 -70.63 -2.66
N MET A 15 17.47 -70.68 -1.70
CA MET A 15 18.62 -71.57 -1.76
C MET A 15 18.31 -72.94 -1.17
N ASN A 16 17.25 -73.01 -0.37
CA ASN A 16 16.74 -74.31 0.11
C ASN A 16 15.24 -74.22 0.43
N ALA A 17 14.73 -75.21 1.16
CA ALA A 17 13.31 -75.32 1.40
C ALA A 17 12.81 -74.44 2.54
N ASN A 18 13.73 -73.82 3.27
CA ASN A 18 13.36 -72.86 4.32
C ASN A 18 13.11 -71.47 3.75
N ASP A 19 13.69 -71.21 2.58
CA ASP A 19 13.70 -69.87 2.01
C ASP A 19 12.42 -69.50 1.28
N LEU A 20 12.10 -68.21 1.34
CA LEU A 20 10.99 -67.64 0.59
C LEU A 20 11.54 -66.77 -0.51
N GLN A 21 11.00 -66.91 -1.72
CA GLN A 21 11.47 -66.16 -2.86
C GLN A 21 11.11 -64.68 -2.76
N LEU A 22 12.11 -63.81 -2.92
CA LEU A 22 11.87 -62.37 -3.01
C LEU A 22 11.89 -61.92 -4.47
N ARG A 23 10.95 -61.04 -4.80
CA ARG A 23 10.89 -60.41 -6.11
C ARG A 23 10.96 -58.91 -5.91
N LYS A 24 11.94 -58.27 -6.55
CA LYS A 24 12.18 -56.85 -6.35
C LYS A 24 10.90 -56.05 -6.55
N GLY A 25 10.67 -55.10 -5.65
CA GLY A 25 9.50 -54.23 -5.73
C GLY A 25 8.29 -54.78 -5.02
N GLU A 26 8.13 -56.09 -5.01
CA GLU A 26 6.98 -56.71 -4.34
C GLU A 26 7.07 -56.53 -2.83
N GLU A 27 5.95 -56.74 -2.16
CA GLU A 27 5.83 -56.50 -0.72
C GLU A 27 5.60 -57.79 0.05
N TYR A 28 6.12 -57.83 1.28
CA TYR A 28 6.08 -59.02 2.12
C TYR A 28 5.75 -58.62 3.56
N PHE A 29 5.24 -59.58 4.33
CA PHE A 29 4.80 -59.32 5.70
C PHE A 29 5.65 -60.14 6.67
N ILE A 30 6.23 -59.48 7.66
CA ILE A 30 7.09 -60.16 8.62
C ILE A 30 6.28 -60.84 9.71
N LEU A 31 6.52 -62.13 9.88
CA LEU A 31 5.88 -62.93 10.91
C LEU A 31 6.77 -62.97 12.14
N GLU A 32 8.07 -62.87 11.91
CA GLU A 32 9.07 -62.88 12.96
C GLU A 32 10.25 -61.96 12.65
N GLU A 33 10.34 -60.86 13.39
CA GLU A 33 11.49 -59.95 13.31
C GLU A 33 12.58 -60.50 14.21
N SER A 34 13.80 -59.96 14.10
CA SER A 34 14.91 -60.42 14.92
C SER A 34 16.22 -59.68 14.63
N ASN A 35 17.14 -59.75 15.59
CA ASN A 35 18.51 -59.30 15.35
C ASN A 35 19.23 -60.24 14.40
N LEU A 36 18.64 -61.40 14.12
CA LEU A 36 19.22 -62.34 13.17
C LEU A 36 19.05 -61.81 11.74
N PRO A 37 19.96 -62.21 10.85
CA PRO A 37 19.97 -61.74 9.45
C PRO A 37 18.96 -62.45 8.55
N TRP A 38 18.17 -63.36 9.12
CA TRP A 38 17.07 -63.99 8.39
C TRP A 38 15.75 -63.74 9.11
N TRP A 39 14.75 -63.29 8.36
CA TRP A 39 13.41 -63.04 8.90
C TRP A 39 12.40 -63.97 8.26
N ARG A 40 11.40 -64.39 9.05
CA ARG A 40 10.30 -65.20 8.55
C ARG A 40 9.23 -64.28 7.96
N ALA A 41 8.94 -64.46 6.67
CA ALA A 41 8.06 -63.55 5.95
C ALA A 41 6.92 -64.29 5.26
N ARG A 42 5.96 -63.52 4.75
CA ARG A 42 4.83 -64.07 4.01
C ARG A 42 4.66 -63.37 2.66
N ASP A 43 4.62 -64.17 1.60
CA ASP A 43 4.33 -63.70 0.26
C ASP A 43 2.98 -62.96 0.22
N LYS A 44 2.73 -62.20 -0.84
CA LYS A 44 1.42 -61.59 -1.02
C LYS A 44 0.39 -62.65 -1.40
N ASN A 45 0.86 -63.88 -1.61
CA ASN A 45 0.01 -65.02 -1.95
C ASN A 45 -0.28 -65.93 -0.75
N GLY A 46 0.46 -65.72 0.33
CA GLY A 46 0.28 -66.50 1.55
C GLY A 46 1.44 -67.43 1.83
N GLN A 47 2.24 -67.71 0.81
CA GLN A 47 3.41 -68.56 0.95
C GLN A 47 4.35 -67.98 2.00
N GLU A 48 4.96 -68.87 2.79
CA GLU A 48 5.83 -68.45 3.89
C GLU A 48 7.22 -69.05 3.77
N GLY A 49 8.14 -68.52 4.55
CA GLY A 49 9.53 -68.94 4.54
C GLY A 49 10.43 -67.87 5.11
N TYR A 50 11.74 -68.07 5.01
CA TYR A 50 12.70 -67.11 5.55
C TYR A 50 13.33 -66.30 4.43
N ILE A 51 13.54 -65.01 4.69
CA ILE A 51 14.15 -64.12 3.72
C ILE A 51 15.32 -63.38 4.37
N PRO A 52 16.34 -63.01 3.58
CA PRO A 52 17.44 -62.23 4.16
C PRO A 52 16.95 -60.85 4.59
N SER A 53 17.13 -60.51 5.87
CA SER A 53 16.63 -59.25 6.39
C SER A 53 17.31 -58.04 5.75
N ASN A 54 18.43 -58.28 5.08
CA ASN A 54 19.16 -57.21 4.41
C ASN A 54 18.68 -56.99 2.96
N TYR A 55 17.86 -57.91 2.47
CA TYR A 55 17.30 -57.81 1.12
C TYR A 55 16.02 -56.97 1.08
N ILE A 56 15.57 -56.49 2.24
CA ILE A 56 14.29 -55.79 2.35
C ILE A 56 14.41 -54.46 3.09
N THR A 57 13.44 -53.59 2.85
CA THR A 57 13.35 -52.29 3.52
C THR A 57 12.11 -52.24 4.39
N GLU A 58 11.84 -51.08 4.96
CA GLU A 58 10.64 -50.87 5.76
C GLU A 58 9.46 -50.24 5.04
N ALA A 59 8.29 -50.71 5.46
CA ALA A 59 6.93 -50.38 5.00
C ALA A 59 6.77 -49.29 3.95
N GLU A 60 6.67 -48.01 4.29
CA GLU A 60 6.39 -47.01 3.25
C GLU A 60 7.57 -46.66 2.35
N ASP A 61 7.24 -46.13 1.17
CA ASP A 61 8.22 -45.75 0.15
C ASP A 61 9.58 -45.38 0.71
N SER A 62 10.45 -46.36 0.91
CA SER A 62 11.76 -46.00 1.43
C SER A 62 12.57 -45.32 0.34
N ILE A 63 13.88 -45.60 0.19
CA ILE A 63 14.74 -44.88 -0.81
C ILE A 63 15.66 -45.76 -1.68
N GLU A 64 16.24 -46.78 -1.09
CA GLU A 64 17.18 -47.60 -1.84
C GLU A 64 16.55 -48.19 -3.09
N MET A 65 15.22 -48.20 -3.08
CA MET A 65 14.42 -48.78 -4.15
C MET A 65 14.48 -48.17 -5.55
N TYR A 66 14.28 -46.86 -5.64
CA TYR A 66 14.21 -46.22 -6.95
C TYR A 66 15.56 -46.12 -7.67
N GLU A 67 15.46 -46.15 -8.99
CA GLU A 67 16.57 -46.05 -9.95
C GLU A 67 17.81 -45.32 -9.47
N TRP A 68 17.66 -44.00 -9.42
CA TRP A 68 18.68 -43.02 -9.04
C TRP A 68 19.51 -43.20 -7.77
N TYR A 69 18.90 -42.96 -6.61
CA TYR A 69 19.58 -43.07 -5.31
C TYR A 69 20.85 -43.91 -5.23
N SER A 70 21.95 -43.34 -4.75
CA SER A 70 23.18 -44.11 -4.68
C SER A 70 23.96 -44.04 -3.39
N LYS A 71 23.24 -44.07 -2.27
CA LYS A 71 23.87 -44.07 -0.96
C LYS A 71 24.95 -43.06 -0.87
N HIS A 72 26.14 -43.46 -0.51
CA HIS A 72 27.26 -42.59 -0.24
C HIS A 72 28.29 -42.67 -1.38
N MET A 73 27.89 -42.27 -2.59
CA MET A 73 28.79 -42.24 -3.76
C MET A 73 29.15 -40.73 -3.83
N THR A 74 30.42 -40.45 -3.53
CA THR A 74 31.02 -39.13 -3.44
C THR A 74 30.58 -38.23 -4.59
N ARG A 75 30.90 -36.95 -4.51
CA ARG A 75 30.54 -36.01 -5.55
C ARG A 75 31.36 -36.29 -6.81
N SER A 76 32.63 -36.65 -6.61
CA SER A 76 33.51 -36.96 -7.73
C SER A 76 33.03 -38.20 -8.50
N GLN A 77 32.72 -39.26 -7.78
CA GLN A 77 32.26 -40.50 -8.40
C GLN A 77 30.93 -40.30 -9.14
N ALA A 78 30.04 -39.50 -8.57
CA ALA A 78 28.76 -39.24 -9.21
C ALA A 78 29.00 -38.46 -10.52
N GLU A 79 30.02 -37.61 -10.52
CA GLU A 79 30.34 -36.81 -11.70
C GLU A 79 30.86 -37.68 -12.84
N GLN A 80 31.70 -38.65 -12.51
CA GLN A 80 32.23 -39.55 -13.55
C GLN A 80 31.11 -40.30 -14.26
N LEU A 81 30.11 -40.72 -13.48
CA LEU A 81 28.99 -41.47 -14.04
C LEU A 81 28.06 -40.59 -14.87
N LEU A 82 27.79 -39.39 -14.37
CA LEU A 82 26.88 -38.50 -15.05
C LEU A 82 27.43 -37.93 -16.33
N GLU A 88 20.82 -34.99 -21.79
CA GLU A 88 20.85 -33.88 -20.84
C GLU A 88 19.74 -34.11 -19.81
N GLY A 89 19.97 -33.67 -18.58
CA GLY A 89 18.98 -33.85 -17.54
C GLY A 89 19.06 -35.21 -16.86
N GLY A 90 20.15 -35.95 -17.09
CA GLY A 90 20.36 -37.27 -16.48
C GLY A 90 20.72 -36.96 -15.03
N PHE A 91 20.13 -37.70 -14.09
CA PHE A 91 20.35 -37.42 -12.67
C PHE A 91 20.49 -38.62 -11.74
N ILE A 92 20.75 -38.28 -10.48
CA ILE A 92 20.87 -39.24 -9.41
C ILE A 92 20.76 -38.43 -8.12
N VAL A 93 20.39 -39.10 -7.04
CA VAL A 93 20.29 -38.46 -5.74
C VAL A 93 21.21 -39.23 -4.83
N ARG A 94 21.95 -38.52 -3.98
CA ARG A 94 22.88 -39.15 -3.06
C ARG A 94 22.91 -38.42 -1.71
N ASP A 95 23.63 -38.97 -0.76
CA ASP A 95 23.77 -38.34 0.55
C ASP A 95 24.78 -37.21 0.45
N TYR A 102 20.61 -34.45 1.61
CA TYR A 102 20.79 -35.19 0.36
C TYR A 102 21.24 -34.24 -0.73
N THR A 103 21.42 -34.76 -1.93
CA THR A 103 21.87 -33.96 -3.05
C THR A 103 21.41 -34.52 -4.40
N VAL A 104 20.88 -33.63 -5.23
CA VAL A 104 20.43 -33.98 -6.55
C VAL A 104 21.48 -33.50 -7.54
N SER A 105 22.15 -34.44 -8.22
CA SER A 105 23.17 -34.11 -9.20
C SER A 105 22.59 -34.29 -10.60
N VAL A 106 22.77 -33.28 -11.45
CA VAL A 106 22.20 -33.29 -12.80
C VAL A 106 23.20 -32.97 -13.91
N PHE A 107 23.08 -33.66 -15.04
CA PHE A 107 23.97 -33.44 -16.18
C PHE A 107 23.39 -32.32 -17.06
N ALA A 108 24.26 -31.41 -17.48
CA ALA A 108 23.86 -30.27 -18.29
C ALA A 108 24.91 -29.94 -19.37
N LYS A 109 24.50 -29.17 -20.37
CA LYS A 109 25.40 -28.76 -21.44
C LYS A 109 25.35 -27.25 -21.65
N GLY A 116 29.52 -29.99 -21.68
CA GLY A 116 28.94 -30.91 -20.71
C GLY A 116 29.41 -30.56 -19.30
N VAL A 117 28.51 -30.56 -18.33
CA VAL A 117 28.86 -30.24 -16.95
C VAL A 117 27.80 -30.74 -15.96
N ILE A 118 28.18 -30.89 -14.70
CA ILE A 118 27.26 -31.38 -13.67
C ILE A 118 26.88 -30.30 -12.66
N ARG A 119 25.59 -30.20 -12.35
CA ARG A 119 25.11 -29.23 -11.37
C ARG A 119 24.64 -29.98 -10.14
N HIS A 120 25.07 -29.52 -8.96
CA HIS A 120 24.70 -30.15 -7.70
C HIS A 120 23.77 -29.28 -6.88
N TYR A 121 22.69 -29.89 -6.38
CA TYR A 121 21.71 -29.17 -5.55
C TYR A 121 21.48 -29.89 -4.22
N VAL A 122 21.83 -29.22 -3.12
CA VAL A 122 21.68 -29.79 -1.79
C VAL A 122 20.22 -29.80 -1.36
N VAL A 123 19.75 -30.95 -0.87
CA VAL A 123 18.37 -31.08 -0.43
C VAL A 123 18.36 -31.06 1.08
N CYS A 124 17.71 -30.04 1.65
CA CYS A 124 17.61 -29.94 3.11
C CYS A 124 16.25 -30.40 3.56
N TYR A 131 10.92 -31.36 2.34
CA TYR A 131 12.16 -31.61 1.61
C TYR A 131 12.21 -30.53 0.55
N TYR A 132 13.31 -29.84 0.39
CA TYR A 132 13.41 -28.80 -0.63
C TYR A 132 14.89 -28.59 -0.94
N LEU A 133 15.16 -28.11 -2.12
CA LEU A 133 16.52 -27.88 -2.60
C LEU A 133 17.22 -26.95 -1.61
N ALA A 134 16.98 -25.65 -1.80
CA ALA A 134 17.52 -24.57 -0.99
C ALA A 134 16.93 -23.27 -1.56
N GLU A 135 17.14 -23.07 -2.86
CA GLU A 135 16.65 -21.89 -3.56
C GLU A 135 15.28 -22.14 -4.17
N LYS A 136 14.85 -21.21 -5.03
CA LYS A 136 13.57 -21.30 -5.71
C LYS A 136 13.72 -20.70 -7.10
N HIS A 137 12.59 -20.67 -7.82
CA HIS A 137 12.51 -20.09 -9.15
C HIS A 137 12.96 -18.65 -8.95
N LEU A 138 13.95 -18.20 -9.72
CA LEU A 138 14.38 -16.83 -9.56
C LEU A 138 13.96 -16.00 -10.76
N PHE A 139 12.77 -15.40 -10.63
CA PHE A 139 12.15 -14.54 -11.63
C PHE A 139 12.81 -13.14 -11.61
N SER A 140 12.92 -12.53 -12.79
CA SER A 140 13.51 -11.19 -12.95
C SER A 140 12.47 -10.07 -12.81
N THR A 141 11.20 -10.41 -12.95
CA THR A 141 10.11 -9.43 -12.87
C THR A 141 8.87 -10.03 -12.26
N ILE A 142 8.03 -9.21 -11.62
CA ILE A 142 6.77 -9.69 -11.04
C ILE A 142 5.85 -10.41 -12.08
N PRO A 143 5.70 -9.83 -13.29
CA PRO A 143 4.88 -10.44 -14.34
C PRO A 143 5.34 -11.85 -14.69
N GLU A 144 6.61 -12.16 -14.48
CA GLU A 144 7.10 -13.50 -14.77
C GLU A 144 6.58 -14.43 -13.68
N LEU A 145 6.70 -13.96 -12.45
CA LEU A 145 6.23 -14.72 -11.29
C LEU A 145 4.75 -15.08 -11.49
N ILE A 146 3.92 -14.07 -11.72
CA ILE A 146 2.49 -14.27 -11.92
C ILE A 146 2.20 -15.25 -13.06
N ASN A 147 2.98 -15.18 -14.14
CA ASN A 147 2.77 -16.06 -15.27
C ASN A 147 3.05 -17.53 -14.91
N TYR A 148 3.98 -17.74 -13.98
CA TYR A 148 4.32 -19.10 -13.57
C TYR A 148 3.21 -19.78 -12.79
N HIS A 149 2.76 -19.11 -11.72
CA HIS A 149 1.72 -19.62 -10.84
C HIS A 149 0.32 -19.64 -11.48
N GLN A 150 0.24 -19.17 -12.72
CA GLN A 150 -1.02 -19.20 -13.44
C GLN A 150 -1.08 -20.55 -14.13
N HIS A 151 0.05 -21.25 -14.18
CA HIS A 151 0.11 -22.56 -14.80
C HIS A 151 0.27 -23.69 -13.78
N ASN A 152 0.98 -23.41 -12.69
CA ASN A 152 1.24 -24.39 -11.63
C ASN A 152 1.12 -23.74 -10.25
N SER A 153 0.39 -24.37 -9.32
CA SER A 153 0.26 -23.80 -7.98
C SER A 153 1.58 -23.92 -7.22
N ALA A 154 2.41 -24.91 -7.59
CA ALA A 154 3.75 -25.06 -7.02
C ALA A 154 3.90 -24.54 -5.60
N GLY A 155 3.15 -25.09 -4.65
CA GLY A 155 3.28 -24.62 -3.27
C GLY A 155 2.25 -23.61 -2.80
N LEU A 156 1.56 -22.96 -3.74
CA LEU A 156 0.54 -21.98 -3.36
C LEU A 156 -0.77 -22.70 -3.12
N ILE A 157 -1.66 -22.06 -2.37
CA ILE A 157 -2.96 -22.66 -2.04
C ILE A 157 -3.80 -23.08 -3.25
N SER A 158 -3.52 -22.48 -4.41
CA SER A 158 -4.27 -22.79 -5.63
C SER A 158 -3.59 -22.12 -6.82
N ARG A 159 -3.77 -22.66 -8.02
CA ARG A 159 -3.17 -22.04 -9.19
C ARG A 159 -3.85 -20.67 -9.36
N LEU A 160 -3.08 -19.68 -9.81
CA LEU A 160 -3.63 -18.35 -10.02
C LEU A 160 -4.58 -18.49 -11.21
N LYS A 161 -5.86 -18.20 -10.98
CA LYS A 161 -6.86 -18.37 -12.03
C LYS A 161 -7.52 -17.12 -12.61
N TYR A 162 -8.01 -16.25 -11.72
CA TYR A 162 -8.72 -15.03 -12.12
C TYR A 162 -8.28 -13.74 -11.40
N PRO A 163 -7.74 -12.76 -12.14
CA PRO A 163 -7.32 -11.50 -11.50
C PRO A 163 -8.53 -10.67 -11.06
N VAL A 164 -8.47 -10.10 -9.86
CA VAL A 164 -9.58 -9.28 -9.34
C VAL A 164 -9.77 -7.95 -10.05
N SER A 165 -11.05 -7.56 -10.18
CA SER A 165 -11.43 -6.33 -10.87
C SER A 165 -11.47 -5.03 -10.06
N LYS A 166 -11.75 -3.94 -10.77
CA LYS A 166 -11.85 -2.60 -10.20
C LYS A 166 -12.92 -1.87 -11.02
N GLN A 167 -14.18 -2.12 -10.65
CA GLN A 167 -15.35 -1.54 -11.31
C GLN A 167 -15.17 -0.10 -11.80
N ASN A 168 -14.68 0.77 -10.91
CA ASN A 168 -14.44 2.17 -11.24
C ASN A 168 -12.95 2.49 -11.25
N LYS A 169 -12.29 2.18 -12.37
CA LYS A 169 -10.86 2.40 -12.52
C LYS A 169 -10.52 3.89 -12.46
N ASN A 170 -11.10 4.66 -13.37
CA ASN A 170 -10.96 6.12 -13.41
C ASN A 170 -9.55 6.61 -13.74
N ALA A 171 -9.45 7.38 -14.81
CA ALA A 171 -8.17 7.93 -15.26
C ALA A 171 -7.77 9.11 -14.36
N PRO A 172 -6.45 9.36 -14.22
CA PRO A 172 -5.99 10.49 -13.38
C PRO A 172 -6.38 11.85 -13.92
N SER A 173 -5.92 12.90 -13.24
CA SER A 173 -6.18 14.28 -13.64
C SER A 173 -5.07 14.81 -14.51
N THR A 174 -5.44 15.52 -15.57
CA THR A 174 -4.49 16.17 -16.45
C THR A 174 -4.26 17.61 -16.01
N ALA A 175 -3.00 18.05 -16.01
CA ALA A 175 -2.65 19.39 -15.61
C ALA A 175 -3.13 20.40 -16.66
N GLY A 176 -4.43 20.65 -16.66
CA GLY A 176 -5.06 21.50 -17.65
C GLY A 176 -6.09 20.69 -18.43
N LEU A 177 -7.00 21.39 -19.11
CA LEU A 177 -8.00 20.75 -19.94
C LEU A 177 -7.52 20.76 -21.38
N GLY A 178 -6.50 19.94 -21.64
CA GLY A 178 -5.78 19.97 -22.89
C GLY A 178 -4.48 20.72 -22.69
N TYR A 179 -3.51 20.47 -23.54
CA TYR A 179 -2.20 21.09 -23.38
C TYR A 179 -2.23 22.58 -23.75
N GLY A 180 -1.61 23.40 -22.93
CA GLY A 180 -1.42 24.80 -23.24
C GLY A 180 -2.71 25.62 -23.26
N SER A 181 -3.54 25.46 -22.22
CA SER A 181 -4.77 26.22 -22.12
C SER A 181 -5.11 26.59 -20.68
N TRP A 182 -4.70 27.79 -20.28
CA TRP A 182 -5.10 28.37 -19.00
C TRP A 182 -6.45 29.05 -19.17
N GLU A 183 -6.55 29.83 -20.24
CA GLU A 183 -7.78 30.51 -20.61
C GLU A 183 -8.89 29.50 -20.85
N ILE A 184 -10.03 29.74 -20.20
CA ILE A 184 -11.20 28.88 -20.35
C ILE A 184 -12.34 29.70 -20.95
N ASP A 185 -12.85 29.27 -22.10
CA ASP A 185 -13.94 29.96 -22.76
C ASP A 185 -15.27 29.58 -22.10
N PRO A 186 -15.94 30.53 -21.42
CA PRO A 186 -17.20 30.19 -20.76
C PRO A 186 -18.32 29.73 -21.70
N LYS A 187 -18.08 29.73 -23.00
CA LYS A 187 -19.06 29.19 -23.95
C LYS A 187 -19.02 27.67 -23.91
N ASP A 188 -17.91 27.12 -23.44
CA ASP A 188 -17.75 25.67 -23.32
C ASP A 188 -18.20 25.16 -21.95
N LEU A 189 -18.63 26.07 -21.09
CA LEU A 189 -19.02 25.74 -19.72
C LEU A 189 -20.53 25.70 -19.54
N THR A 190 -21.04 24.54 -19.14
CA THR A 190 -22.45 24.38 -18.82
C THR A 190 -22.65 24.34 -17.30
N PHE A 191 -23.22 25.40 -16.75
CA PHE A 191 -23.45 25.48 -15.31
C PHE A 191 -24.58 24.54 -14.88
N LEU A 192 -24.23 23.35 -14.41
CA LEU A 192 -25.23 22.34 -14.11
C LEU A 192 -25.91 22.58 -12.77
N LYS A 193 -25.13 22.60 -11.68
CA LYS A 193 -25.69 22.82 -10.34
C LYS A 193 -24.81 23.71 -9.47
N GLU A 194 -25.46 24.56 -8.66
CA GLU A 194 -24.77 25.21 -7.54
C GLU A 194 -24.45 24.15 -6.49
N LEU A 195 -23.30 24.29 -5.84
CA LEU A 195 -22.84 23.31 -4.88
C LEU A 195 -22.56 23.91 -3.52
N GLY A 196 -21.77 24.98 -3.52
CA GLY A 196 -21.35 25.61 -2.28
C GLY A 196 -21.26 27.12 -2.36
N THR A 197 -20.39 27.68 -1.52
CA THR A 197 -20.22 29.12 -1.46
C THR A 197 -18.94 29.42 -0.69
N GLY A 198 -17.81 29.23 -1.35
CA GLY A 198 -16.51 29.40 -0.72
C GLY A 198 -16.30 30.80 -0.19
N GLN A 199 -15.13 31.04 0.39
CA GLN A 199 -14.83 32.32 0.98
C GLN A 199 -14.71 33.43 -0.08
N PHE A 200 -14.34 33.03 -1.29
CA PHE A 200 -14.17 33.99 -2.39
C PHE A 200 -15.42 34.17 -3.26
N GLY A 201 -16.36 33.23 -3.17
CA GLY A 201 -17.57 33.33 -3.95
C GLY A 201 -18.31 32.02 -4.13
N VAL A 202 -19.27 32.02 -5.06
CA VAL A 202 -20.12 30.86 -5.31
C VAL A 202 -19.37 29.79 -6.09
N VAL A 203 -19.37 28.58 -5.55
CA VAL A 203 -18.80 27.43 -6.24
C VAL A 203 -19.91 26.67 -6.95
N LYS A 204 -19.90 26.72 -8.28
CA LYS A 204 -20.89 25.99 -9.08
C LYS A 204 -20.25 24.78 -9.74
N TYR A 205 -21.11 23.82 -10.07
CA TYR A 205 -20.68 22.60 -10.74
C TYR A 205 -21.21 22.57 -12.17
N GLY A 206 -20.36 22.13 -13.09
CA GLY A 206 -20.73 22.10 -14.49
C GLY A 206 -19.87 21.16 -15.30
N LYS A 207 -20.29 20.94 -16.55
CA LYS A 207 -19.49 20.17 -17.50
C LYS A 207 -18.78 21.12 -18.43
N TRP A 208 -17.53 20.78 -18.76
CA TRP A 208 -16.76 21.56 -19.71
C TRP A 208 -16.83 20.86 -21.07
N ARG A 209 -17.35 21.58 -22.06
CA ARG A 209 -17.67 21.01 -23.37
C ARG A 209 -18.69 19.89 -23.22
N GLY A 210 -19.62 20.09 -22.29
CA GLY A 210 -20.71 19.17 -22.05
C GLY A 210 -20.29 17.73 -21.85
N GLN A 211 -19.04 17.51 -21.46
CA GLN A 211 -18.53 16.16 -21.26
C GLN A 211 -17.85 15.98 -19.90
N TYR A 212 -16.72 16.63 -19.67
CA TYR A 212 -16.00 16.37 -18.42
C TYR A 212 -16.48 17.25 -17.28
N ASP A 213 -16.68 16.62 -16.12
CA ASP A 213 -17.12 17.30 -14.91
C ASP A 213 -16.07 18.28 -14.43
N VAL A 214 -16.51 19.47 -14.04
CA VAL A 214 -15.59 20.50 -13.57
C VAL A 214 -16.26 21.39 -12.52
N ALA A 215 -15.46 21.78 -11.53
CA ALA A 215 -15.92 22.71 -10.51
C ALA A 215 -15.48 24.11 -10.89
N ILE A 216 -16.43 25.04 -10.84
CA ILE A 216 -16.17 26.42 -11.19
C ILE A 216 -16.40 27.29 -9.95
N LYS A 217 -15.32 27.96 -9.52
CA LYS A 217 -15.32 28.77 -8.31
C LYS A 217 -15.32 30.27 -8.63
N MET A 218 -16.44 30.93 -8.39
CA MET A 218 -16.53 32.38 -8.53
C MET A 218 -15.62 33.06 -7.52
N ILE A 219 -14.88 34.07 -8.01
CA ILE A 219 -14.04 34.91 -7.16
C ILE A 219 -14.62 36.32 -7.10
N ARG A 220 -15.37 36.62 -6.05
CA ARG A 220 -15.87 37.98 -5.78
C ARG A 220 -14.78 39.01 -6.03
N GLU A 221 -15.10 40.11 -6.70
CA GLU A 221 -14.11 41.18 -6.90
C GLU A 221 -13.72 41.77 -5.56
N GLY A 222 -12.46 42.19 -5.44
CA GLY A 222 -11.96 42.77 -4.21
C GLY A 222 -11.40 41.74 -3.25
N SER A 223 -11.82 40.50 -3.39
CA SER A 223 -11.34 39.41 -2.52
C SER A 223 -9.84 39.21 -2.67
N MET A 224 -9.39 39.09 -3.92
CA MET A 224 -7.98 38.81 -4.19
C MET A 224 -7.35 39.84 -5.14
N SER A 225 -6.03 39.93 -5.09
CA SER A 225 -5.28 40.76 -6.02
C SER A 225 -5.03 39.96 -7.29
N GLU A 226 -6.03 39.95 -8.17
CA GLU A 226 -6.09 39.11 -9.36
C GLU A 226 -4.77 39.05 -10.15
N ASP A 227 -4.20 40.21 -10.42
CA ASP A 227 -2.98 40.30 -11.24
C ASP A 227 -1.86 39.43 -10.69
N GLU A 228 -1.64 39.52 -9.39
CA GLU A 228 -0.58 38.76 -8.72
C GLU A 228 -0.93 37.27 -8.67
N PHE A 229 -2.19 36.98 -8.39
CA PHE A 229 -2.66 35.61 -8.23
C PHE A 229 -2.62 34.83 -9.54
N ILE A 230 -3.33 35.33 -10.54
CA ILE A 230 -3.47 34.66 -11.83
C ILE A 230 -2.12 34.32 -12.44
N GLU A 231 -1.15 35.22 -12.29
CA GLU A 231 0.17 35.00 -12.85
C GLU A 231 0.86 33.81 -12.17
N GLU A 232 0.56 33.62 -10.89
CA GLU A 232 1.16 32.53 -10.13
C GLU A 232 0.32 31.25 -10.21
N ALA A 233 -0.88 31.38 -10.77
CA ALA A 233 -1.73 30.23 -11.03
C ALA A 233 -1.14 29.40 -12.17
N LYS A 234 -0.41 30.06 -13.07
CA LYS A 234 0.27 29.38 -14.16
C LYS A 234 1.21 28.31 -13.63
N VAL A 235 1.85 28.59 -12.50
CA VAL A 235 2.70 27.61 -11.84
C VAL A 235 1.82 26.54 -11.23
N MET A 236 0.81 26.96 -10.48
CA MET A 236 -0.09 26.03 -9.81
C MET A 236 -0.78 25.10 -10.81
N MET A 237 -0.88 25.54 -12.06
CA MET A 237 -1.40 24.69 -13.12
C MET A 237 -0.54 23.45 -13.27
N ASN A 238 0.77 23.67 -13.33
CA ASN A 238 1.73 22.58 -13.51
C ASN A 238 2.08 21.86 -12.22
N LEU A 239 1.15 21.90 -11.25
CA LEU A 239 1.26 21.10 -10.03
C LEU A 239 0.27 19.96 -10.09
N SER A 240 0.73 18.81 -10.58
CA SER A 240 -0.14 17.65 -10.79
C SER A 240 0.17 16.54 -9.80
N HIS A 241 -0.87 16.04 -9.13
CA HIS A 241 -0.75 14.92 -8.22
C HIS A 241 -2.13 14.36 -7.92
N GLU A 242 -2.21 13.04 -7.77
CA GLU A 242 -3.48 12.33 -7.69
C GLU A 242 -4.33 12.75 -6.48
N LYS A 243 -3.67 13.21 -5.42
CA LYS A 243 -4.34 13.61 -4.17
C LYS A 243 -4.36 15.12 -4.05
N LEU A 244 -4.34 15.79 -5.21
CA LEU A 244 -4.12 17.22 -5.27
C LEU A 244 -5.15 17.82 -6.25
N VAL A 245 -6.18 18.45 -5.70
CA VAL A 245 -7.28 18.95 -6.51
C VAL A 245 -6.76 19.79 -7.67
N GLN A 246 -6.88 19.23 -8.86
CA GLN A 246 -6.25 19.81 -10.04
C GLN A 246 -6.88 21.15 -10.40
N LEU A 247 -6.02 22.13 -10.66
CA LEU A 247 -6.45 23.43 -11.13
C LEU A 247 -6.40 23.43 -12.66
N TYR A 248 -7.57 23.38 -13.28
CA TYR A 248 -7.65 23.25 -14.74
C TYR A 248 -7.40 24.57 -15.46
N GLY A 249 -7.92 25.67 -14.94
CA GLY A 249 -7.71 26.96 -15.55
C GLY A 249 -8.56 28.09 -15.01
N VAL A 250 -8.46 29.25 -15.65
CA VAL A 250 -9.17 30.45 -15.24
C VAL A 250 -9.72 31.17 -16.47
N CYS A 251 -10.52 32.21 -16.25
CA CYS A 251 -10.95 33.08 -17.34
C CYS A 251 -10.98 34.52 -16.87
N THR A 252 -10.39 35.38 -17.70
CA THR A 252 -10.23 36.78 -17.37
C THR A 252 -11.29 37.64 -18.07
N LYS A 253 -11.69 37.22 -19.27
CA LYS A 253 -12.66 37.96 -20.06
C LYS A 253 -13.97 38.20 -19.30
N GLN A 254 -14.54 37.13 -18.76
CA GLN A 254 -15.74 37.23 -17.93
C GLN A 254 -15.35 37.68 -16.53
N ARG A 255 -15.88 38.82 -16.10
CA ARG A 255 -15.58 39.38 -14.78
C ARG A 255 -16.86 39.59 -13.95
N PRO A 256 -16.80 39.34 -12.63
CA PRO A 256 -15.67 38.80 -11.85
C PRO A 256 -15.22 37.43 -12.31
N ILE A 257 -13.96 37.10 -12.02
CA ILE A 257 -13.32 35.94 -12.63
C ILE A 257 -13.86 34.63 -12.08
N PHE A 258 -13.29 33.55 -12.60
CA PHE A 258 -13.77 32.21 -12.38
C PHE A 258 -12.59 31.25 -12.49
N ILE A 259 -12.12 30.67 -11.37
CA ILE A 259 -11.07 29.64 -11.48
C ILE A 259 -11.76 28.28 -11.61
N ILE A 260 -11.30 27.49 -12.58
CA ILE A 260 -11.89 26.19 -12.89
C ILE A 260 -10.99 25.08 -12.35
N THR A 261 -11.58 24.18 -11.58
CA THR A 261 -10.81 23.15 -10.88
C THR A 261 -11.45 21.76 -10.99
N GLU A 262 -10.72 20.75 -10.54
CA GLU A 262 -11.23 19.39 -10.49
C GLU A 262 -12.51 19.32 -9.67
N TYR A 263 -13.49 18.60 -10.19
CA TYR A 263 -14.79 18.47 -9.51
C TYR A 263 -14.75 17.41 -8.41
N MET A 264 -15.06 17.84 -7.19
CA MET A 264 -15.08 16.96 -6.03
C MET A 264 -16.52 16.79 -5.55
N ALA A 265 -17.10 15.63 -5.85
CA ALA A 265 -18.54 15.42 -5.74
C ALA A 265 -19.08 15.48 -4.30
N ASN A 266 -18.26 15.14 -3.32
CA ASN A 266 -18.72 15.09 -1.93
C ASN A 266 -18.33 16.34 -1.14
N GLY A 267 -17.83 17.35 -1.82
CA GLY A 267 -17.56 18.63 -1.19
C GLY A 267 -16.42 18.59 -0.18
N CYS A 268 -16.39 19.54 0.73
CA CYS A 268 -15.26 19.71 1.63
C CYS A 268 -15.29 18.68 2.76
N LEU A 269 -14.09 18.32 3.23
CA LEU A 269 -13.93 17.25 4.20
C LEU A 269 -14.61 17.55 5.54
N LEU A 270 -14.52 18.80 5.98
CA LEU A 270 -15.08 19.19 7.28
C LEU A 270 -16.58 18.87 7.32
N ASN A 271 -17.29 19.30 6.29
CA ASN A 271 -18.72 19.03 6.20
C ASN A 271 -19.00 17.55 6.03
N TYR A 272 -18.06 16.86 5.40
CA TYR A 272 -18.16 15.42 5.18
C TYR A 272 -18.03 14.69 6.51
N LEU A 273 -17.02 15.07 7.27
CA LEU A 273 -16.78 14.49 8.60
C LEU A 273 -17.95 14.68 9.54
N ARG A 274 -18.72 15.74 9.35
CA ARG A 274 -19.80 16.10 10.26
C ARG A 274 -21.16 15.55 9.81
N GLU A 275 -21.46 15.70 8.52
CA GLU A 275 -22.80 15.46 8.00
C GLU A 275 -22.90 14.23 7.10
N MET A 276 -21.77 13.56 6.85
CA MET A 276 -21.75 12.37 6.00
C MET A 276 -21.12 11.20 6.73
N ARG A 277 -21.41 11.09 8.03
CA ARG A 277 -20.82 10.04 8.85
C ARG A 277 -21.33 8.65 8.47
N HIS A 278 -22.54 8.58 7.93
CA HIS A 278 -23.09 7.31 7.48
C HIS A 278 -22.38 6.79 6.24
N ARG A 279 -21.53 7.62 5.65
CA ARG A 279 -20.87 7.28 4.38
C ARG A 279 -19.49 6.66 4.56
N PHE A 280 -19.03 6.53 5.80
CA PHE A 280 -17.71 5.95 6.05
C PHE A 280 -17.59 5.34 7.43
N GLN A 281 -16.59 4.48 7.59
CA GLN A 281 -16.26 3.87 8.87
C GLN A 281 -15.02 4.51 9.45
N THR A 282 -14.84 4.35 10.75
CA THR A 282 -13.70 4.94 11.45
C THR A 282 -12.38 4.36 10.97
N GLN A 283 -12.42 3.17 10.36
CA GLN A 283 -11.21 2.54 9.84
C GLN A 283 -10.73 3.22 8.56
N GLN A 284 -11.55 4.10 8.00
CA GLN A 284 -11.21 4.81 6.78
C GLN A 284 -10.53 6.15 7.06
N LEU A 285 -10.50 6.54 8.33
CA LEU A 285 -9.96 7.84 8.71
C LEU A 285 -8.48 7.95 8.40
N LEU A 286 -7.71 6.93 8.78
CA LEU A 286 -6.28 6.97 8.57
C LEU A 286 -5.96 7.14 7.09
N GLU A 287 -6.81 6.57 6.25
CA GLU A 287 -6.66 6.69 4.81
C GLU A 287 -6.90 8.14 4.37
N MET A 288 -7.82 8.82 5.05
CA MET A 288 -8.08 10.23 4.77
C MET A 288 -6.84 11.05 5.06
N CYS A 289 -6.14 10.68 6.14
CA CYS A 289 -4.90 11.34 6.51
C CYS A 289 -3.80 11.01 5.50
N LYS A 290 -3.72 9.75 5.11
CA LYS A 290 -2.72 9.30 4.15
C LYS A 290 -2.86 10.06 2.84
N ASP A 291 -4.10 10.19 2.37
CA ASP A 291 -4.37 10.88 1.11
C ASP A 291 -3.80 12.31 1.17
N VAL A 292 -4.16 13.04 2.22
CA VAL A 292 -3.68 14.41 2.40
C VAL A 292 -2.16 14.43 2.51
N CYS A 293 -1.61 13.47 3.23
CA CYS A 293 -0.17 13.44 3.48
C CYS A 293 0.61 13.21 2.19
N GLU A 294 0.10 12.32 1.34
CA GLU A 294 0.69 12.08 0.03
C GLU A 294 0.74 13.37 -0.77
N ALA A 295 -0.32 14.16 -0.64
CA ALA A 295 -0.42 15.43 -1.36
C ALA A 295 0.57 16.44 -0.80
N MET A 296 0.67 16.50 0.53
CA MET A 296 1.56 17.45 1.18
C MET A 296 3.03 17.08 0.94
N GLU A 297 3.31 15.80 0.76
CA GLU A 297 4.65 15.37 0.40
C GLU A 297 5.03 15.92 -0.96
N TYR A 298 4.06 15.95 -1.87
CA TYR A 298 4.28 16.46 -3.21
C TYR A 298 4.56 17.95 -3.18
N LEU A 299 3.69 18.70 -2.51
CA LEU A 299 3.87 20.14 -2.37
C LEU A 299 5.16 20.46 -1.62
N GLU A 300 5.58 19.55 -0.75
CA GLU A 300 6.83 19.70 -0.02
C GLU A 300 8.00 19.51 -0.96
N SER A 301 7.91 18.51 -1.82
CA SER A 301 8.98 18.20 -2.76
C SER A 301 9.16 19.33 -3.77
N LYS A 302 8.07 20.01 -4.09
CA LYS A 302 8.10 21.17 -4.98
C LYS A 302 8.32 22.45 -4.18
N GLN A 303 8.82 22.29 -2.95
CA GLN A 303 8.93 23.38 -1.96
C GLN A 303 7.82 24.43 -2.11
N PHE A 304 6.57 23.94 -2.16
CA PHE A 304 5.39 24.79 -2.28
C PHE A 304 4.57 24.75 -0.99
N LEU A 305 4.58 25.85 -0.25
CA LEU A 305 3.82 25.94 1.00
C LEU A 305 2.32 26.04 0.74
N HIS A 306 1.53 25.28 1.49
CA HIS A 306 0.07 25.32 1.38
C HIS A 306 -0.48 26.56 2.06
N ARG A 307 0.07 26.89 3.24
CA ARG A 307 -0.20 28.14 3.96
C ARG A 307 -1.47 28.10 4.81
N ASP A 308 -2.47 27.32 4.41
CA ASP A 308 -3.70 27.18 5.22
C ASP A 308 -4.32 25.80 5.09
N LEU A 309 -3.57 24.78 5.51
CA LEU A 309 -4.07 23.42 5.48
C LEU A 309 -5.08 23.18 6.60
N ALA A 310 -6.26 22.72 6.24
CA ALA A 310 -7.33 22.45 7.20
C ALA A 310 -8.45 21.69 6.51
N ALA A 311 -9.29 21.02 7.30
CA ALA A 311 -10.32 20.15 6.75
C ALA A 311 -11.26 20.89 5.81
N ARG A 312 -11.47 22.18 6.10
CA ARG A 312 -12.31 23.02 5.26
C ARG A 312 -11.70 23.23 3.87
N ASN A 313 -10.40 22.98 3.75
CA ASN A 313 -9.68 23.19 2.49
C ASN A 313 -9.34 21.88 1.78
N CYS A 314 -9.76 20.76 2.36
CA CYS A 314 -9.67 19.46 1.67
C CYS A 314 -11.04 19.12 1.10
N LEU A 315 -11.04 18.44 -0.05
CA LEU A 315 -12.28 18.04 -0.71
C LEU A 315 -12.31 16.51 -0.85
N VAL A 316 -13.53 15.97 -0.94
CA VAL A 316 -13.74 14.53 -1.07
C VAL A 316 -14.47 14.24 -2.36
N ASN A 317 -13.97 13.27 -3.13
CA ASN A 317 -14.61 12.94 -4.40
C ASN A 317 -15.59 11.79 -4.24
N ASP A 318 -16.18 11.36 -5.36
CA ASP A 318 -17.22 10.35 -5.37
C ASP A 318 -16.77 9.03 -4.74
N GLN A 319 -15.47 8.73 -4.85
CA GLN A 319 -14.93 7.46 -4.38
C GLN A 319 -14.36 7.55 -2.96
N GLY A 320 -14.61 8.67 -2.30
CA GLY A 320 -14.18 8.85 -0.93
C GLY A 320 -12.75 9.33 -0.78
N VAL A 321 -12.07 9.51 -1.90
CA VAL A 321 -10.68 9.99 -1.87
C VAL A 321 -10.63 11.43 -1.40
N VAL A 322 -9.72 11.73 -0.48
CA VAL A 322 -9.53 13.08 0.01
C VAL A 322 -8.38 13.75 -0.72
N LYS A 323 -8.64 14.94 -1.26
CA LYS A 323 -7.60 15.73 -1.91
C LYS A 323 -7.55 17.12 -1.31
N VAL A 324 -6.38 17.75 -1.34
CA VAL A 324 -6.22 19.07 -0.77
C VAL A 324 -6.38 20.13 -1.86
N SER A 325 -7.05 21.22 -1.52
CA SER A 325 -7.31 22.30 -2.48
C SER A 325 -6.90 23.65 -1.89
N ASP A 326 -7.02 24.70 -2.70
CA ASP A 326 -6.75 26.07 -2.27
C ASP A 326 -5.34 26.23 -1.68
N PHE A 327 -4.41 25.41 -2.17
CA PHE A 327 -3.02 25.47 -1.72
C PHE A 327 -2.36 26.76 -2.23
N GLY A 328 -1.70 27.47 -1.32
CA GLY A 328 -1.04 28.73 -1.65
C GLY A 328 -1.99 29.92 -1.72
N LEU A 329 -3.27 29.63 -1.85
CA LEU A 329 -4.26 30.65 -2.20
C LEU A 329 -4.32 31.86 -1.25
N SER A 330 -3.86 31.69 -0.01
CA SER A 330 -3.96 32.76 0.99
C SER A 330 -2.93 33.86 0.78
N ARG A 331 -1.97 33.63 -0.11
CA ARG A 331 -0.97 34.66 -0.42
C ARG A 331 -1.59 35.82 -1.19
N TYR A 332 -2.78 35.59 -1.74
CA TYR A 332 -3.40 36.55 -2.65
C TYR A 332 -4.76 37.01 -2.17
N VAL A 333 -5.07 36.76 -0.89
CA VAL A 333 -6.27 37.28 -0.26
C VAL A 333 -6.02 38.70 0.23
N LEU A 334 -6.86 39.63 -0.19
CA LEU A 334 -6.65 41.03 0.14
C LEU A 334 -7.13 41.36 1.55
N ASP A 335 -8.14 40.63 2.01
CA ASP A 335 -8.70 40.86 3.34
C ASP A 335 -7.62 40.60 4.41
N ASP A 336 -7.16 41.69 5.04
CA ASP A 336 -6.11 41.61 6.03
C ASP A 336 -6.49 40.74 7.22
N GLU A 337 -7.78 40.66 7.52
CA GLU A 337 -8.27 39.92 8.67
C GLU A 337 -8.10 38.41 8.49
N TYR A 338 -7.84 37.98 7.26
CA TYR A 338 -7.54 36.57 6.99
C TYR A 338 -6.04 36.33 6.96
N THR A 339 -5.31 37.27 6.35
CA THR A 339 -3.88 37.10 6.14
C THR A 339 -3.05 37.38 7.37
N SER A 340 -3.32 38.49 8.05
CA SER A 340 -2.56 38.88 9.22
C SER A 340 -2.71 37.86 10.34
N SER A 341 -1.58 37.43 10.91
CA SER A 341 -1.58 36.44 11.98
C SER A 341 -2.30 36.92 13.24
N VAL A 342 -2.68 38.20 13.24
CA VAL A 342 -3.40 38.82 14.35
C VAL A 342 -4.86 39.09 13.94
N GLY A 343 -5.19 38.77 12.70
CA GLY A 343 -6.52 39.01 12.17
C GLY A 343 -7.60 38.15 12.81
N SER A 344 -8.83 38.65 12.74
CA SER A 344 -9.97 38.00 13.38
C SER A 344 -10.39 36.68 12.73
N LYS A 345 -9.92 36.44 11.50
CA LYS A 345 -10.30 35.23 10.78
C LYS A 345 -9.06 34.45 10.33
N PHE A 346 -7.91 34.77 10.91
CA PHE A 346 -6.68 34.05 10.60
C PHE A 346 -6.74 32.64 11.17
N PRO A 347 -6.23 31.64 10.41
CA PRO A 347 -6.23 30.26 10.92
C PRO A 347 -5.35 30.05 12.15
N VAL A 348 -5.70 30.69 13.27
CA VAL A 348 -4.91 30.58 14.49
C VAL A 348 -4.88 29.13 15.00
N ARG A 349 -5.99 28.44 14.87
CA ARG A 349 -6.13 27.11 15.48
C ARG A 349 -5.31 26.05 14.74
N TRP A 350 -4.87 26.39 13.53
CA TRP A 350 -4.05 25.49 12.71
C TRP A 350 -2.61 25.97 12.59
N SER A 351 -2.28 27.06 13.29
CA SER A 351 -0.97 27.70 13.13
C SER A 351 -0.03 27.38 14.28
N PRO A 352 1.25 27.11 13.98
CA PRO A 352 2.24 26.92 15.03
C PRO A 352 2.62 28.25 15.70
N PRO A 353 3.37 28.19 16.81
CA PRO A 353 3.81 29.40 17.51
C PRO A 353 4.60 30.37 16.62
N GLU A 354 5.51 29.85 15.80
CA GLU A 354 6.40 30.71 15.01
C GLU A 354 5.61 31.55 14.01
N VAL A 355 4.46 31.05 13.59
CA VAL A 355 3.59 31.77 12.67
C VAL A 355 2.79 32.83 13.41
N LEU A 356 2.38 32.50 14.63
CA LEU A 356 1.60 33.42 15.45
C LEU A 356 2.48 34.56 15.98
N MET A 357 3.73 34.24 16.31
CA MET A 357 4.65 35.24 16.84
C MET A 357 5.32 36.06 15.74
N TYR A 358 5.99 35.40 14.80
CA TYR A 358 6.80 36.08 13.79
C TYR A 358 6.36 35.83 12.35
N SER A 359 5.15 35.28 12.18
CA SER A 359 4.61 35.00 10.86
C SER A 359 5.59 34.24 9.96
N LYS A 360 6.37 33.34 10.55
CA LYS A 360 7.36 32.58 9.80
C LYS A 360 6.79 31.29 9.26
N PHE A 361 6.30 31.35 8.02
CA PHE A 361 5.78 30.17 7.34
C PHE A 361 6.92 29.33 6.78
N SER A 362 6.70 28.03 6.73
CA SER A 362 7.66 27.09 6.16
C SER A 362 6.97 25.73 6.04
N SER A 363 7.69 24.73 5.56
CA SER A 363 7.16 23.36 5.49
C SER A 363 6.67 22.91 6.85
N LYS A 364 7.38 23.33 7.90
CA LYS A 364 7.03 22.96 9.26
C LYS A 364 5.69 23.55 9.71
N SER A 365 5.34 24.72 9.20
CA SER A 365 4.04 25.30 9.53
C SER A 365 2.92 24.48 8.90
N ASP A 366 3.17 23.95 7.71
CA ASP A 366 2.22 23.06 7.05
C ASP A 366 2.09 21.76 7.83
N ILE A 367 3.21 21.24 8.33
CA ILE A 367 3.20 20.01 9.12
C ILE A 367 2.36 20.20 10.37
N TRP A 368 2.54 21.32 11.06
CA TRP A 368 1.74 21.63 12.23
C TRP A 368 0.26 21.60 11.88
N ALA A 369 -0.10 22.30 10.81
CA ALA A 369 -1.48 22.34 10.34
C ALA A 369 -2.00 20.93 10.10
N PHE A 370 -1.17 20.08 9.50
CA PHE A 370 -1.56 18.71 9.20
C PHE A 370 -1.90 17.94 10.47
N GLY A 371 -1.11 18.15 11.52
CA GLY A 371 -1.38 17.53 12.80
C GLY A 371 -2.76 17.89 13.29
N VAL A 372 -3.10 19.17 13.20
CA VAL A 372 -4.42 19.65 13.60
C VAL A 372 -5.49 19.07 12.66
N LEU A 373 -5.14 18.97 11.38
CA LEU A 373 -6.06 18.38 10.39
C LEU A 373 -6.30 16.91 10.73
N MET A 374 -5.25 16.22 11.16
CA MET A 374 -5.40 14.84 11.60
C MET A 374 -6.36 14.78 12.78
N TRP A 375 -6.22 15.72 13.69
CA TRP A 375 -7.10 15.81 14.85
C TRP A 375 -8.53 16.08 14.43
N GLU A 376 -8.71 17.04 13.52
CA GLU A 376 -10.03 17.32 12.94
C GLU A 376 -10.68 16.05 12.42
N ILE A 377 -9.92 15.28 11.65
CA ILE A 377 -10.42 14.05 11.05
C ILE A 377 -10.86 13.04 12.11
N TYR A 378 -10.04 12.86 13.13
CA TYR A 378 -10.30 11.84 14.15
C TYR A 378 -11.29 12.26 15.22
N SER A 379 -11.64 13.55 15.26
CA SER A 379 -12.75 14.01 16.08
C SER A 379 -13.96 14.30 15.19
N LEU A 380 -13.92 13.73 13.99
CA LEU A 380 -15.01 13.85 13.02
C LEU A 380 -15.46 15.29 12.84
N GLY A 381 -14.50 16.21 12.73
CA GLY A 381 -14.78 17.57 12.33
C GLY A 381 -15.05 18.54 13.46
N LYS A 382 -14.69 18.16 14.68
CA LYS A 382 -14.84 19.04 15.83
C LYS A 382 -13.89 20.23 15.69
N MET A 383 -14.30 21.39 16.18
CA MET A 383 -13.45 22.58 16.10
C MET A 383 -12.29 22.46 17.10
N PRO A 384 -11.04 22.61 16.62
CA PRO A 384 -9.91 22.58 17.56
C PRO A 384 -9.99 23.70 18.59
N TYR A 385 -9.76 23.36 19.85
CA TYR A 385 -9.83 24.35 20.94
C TYR A 385 -11.15 25.12 20.93
N GLU A 386 -12.28 24.41 20.83
CA GLU A 386 -13.56 25.08 20.56
C GLU A 386 -13.99 25.96 21.72
N ARG A 387 -13.53 25.63 22.92
CA ARG A 387 -13.87 26.44 24.09
C ARG A 387 -13.14 27.79 24.06
N PHE A 388 -11.97 27.83 23.44
CA PHE A 388 -11.12 29.01 23.49
C PHE A 388 -11.36 29.98 22.34
N THR A 389 -11.00 31.23 22.60
CA THR A 389 -10.99 32.29 21.60
C THR A 389 -9.70 32.12 20.80
N ASN A 390 -9.59 32.80 19.65
CA ASN A 390 -8.36 32.74 18.86
C ASN A 390 -7.15 33.24 19.65
N SER A 391 -7.29 34.37 20.33
CA SER A 391 -6.19 34.89 21.16
C SER A 391 -5.95 33.99 22.37
N GLU A 392 -7.00 33.37 22.89
CA GLU A 392 -6.84 32.43 24.00
C GLU A 392 -6.03 31.22 23.53
N THR A 393 -6.43 30.67 22.38
CA THR A 393 -5.75 29.55 21.77
C THR A 393 -4.28 29.89 21.53
N ALA A 394 -4.05 31.09 21.01
CA ALA A 394 -2.70 31.56 20.71
C ALA A 394 -1.83 31.52 21.95
N GLU A 395 -2.32 32.10 23.04
CA GLU A 395 -1.58 32.13 24.29
C GLU A 395 -1.29 30.72 24.82
N HIS A 396 -2.32 29.87 24.81
CA HIS A 396 -2.21 28.54 25.42
C HIS A 396 -1.33 27.62 24.58
N ILE A 397 -1.50 27.65 23.26
CA ILE A 397 -0.59 26.95 22.36
C ILE A 397 0.85 27.32 22.68
N ALA A 398 1.10 28.63 22.77
CA ALA A 398 2.43 29.16 23.01
C ALA A 398 3.00 28.68 24.34
N GLN A 399 2.13 28.40 25.30
CA GLN A 399 2.55 27.91 26.60
C GLN A 399 2.89 26.43 26.52
N GLY A 400 2.09 25.69 25.77
CA GLY A 400 2.30 24.26 25.59
C GLY A 400 1.03 23.44 25.54
N LEU A 401 -0.12 24.11 25.48
CA LEU A 401 -1.38 23.41 25.29
C LEU A 401 -1.38 22.70 23.95
N ARG A 402 -1.63 21.40 23.97
CA ARG A 402 -1.73 20.62 22.75
C ARG A 402 -3.07 19.90 22.73
N LEU A 403 -3.61 19.73 21.53
CA LEU A 403 -4.89 19.05 21.35
C LEU A 403 -4.83 17.65 21.95
N TYR A 404 -5.82 17.33 22.77
CA TYR A 404 -5.90 16.02 23.39
C TYR A 404 -6.16 14.94 22.34
N ARG A 405 -5.91 13.68 22.71
CA ARG A 405 -6.19 12.55 21.85
C ARG A 405 -7.70 12.35 21.66
N PRO A 406 -8.20 12.43 20.41
CA PRO A 406 -9.60 12.07 20.20
C PRO A 406 -9.82 10.58 20.43
N HIS A 407 -11.03 10.20 20.82
CA HIS A 407 -11.33 8.80 21.13
C HIS A 407 -11.07 7.86 19.96
N LEU A 408 -11.27 8.33 18.74
CA LEU A 408 -11.10 7.48 17.56
C LEU A 408 -9.64 7.32 17.15
N ALA A 409 -8.76 8.14 17.73
CA ALA A 409 -7.33 8.05 17.43
C ALA A 409 -6.63 7.10 18.40
N SER A 410 -5.96 6.08 17.85
CA SER A 410 -5.19 5.15 18.66
C SER A 410 -3.95 5.84 19.20
N GLU A 411 -3.28 5.18 20.16
CA GLU A 411 -2.04 5.73 20.73
C GLU A 411 -1.02 6.03 19.65
N ARG A 412 -0.90 5.13 18.67
CA ARG A 412 0.10 5.24 17.63
C ARG A 412 -0.26 6.35 16.64
N VAL A 413 -1.54 6.43 16.30
CA VAL A 413 -2.01 7.50 15.43
C VAL A 413 -1.83 8.87 16.08
N TYR A 414 -2.19 8.96 17.36
CA TYR A 414 -2.04 10.20 18.10
C TYR A 414 -0.57 10.62 18.19
N THR A 415 0.31 9.64 18.34
CA THR A 415 1.75 9.90 18.38
C THR A 415 2.20 10.61 17.11
N ILE A 416 1.59 10.25 15.98
CA ILE A 416 1.92 10.86 14.70
C ILE A 416 1.47 12.31 14.64
N MET A 417 0.19 12.56 14.92
CA MET A 417 -0.33 13.92 14.84
C MET A 417 0.33 14.79 15.89
N TYR A 418 0.72 14.19 17.01
CA TYR A 418 1.36 14.94 18.08
C TYR A 418 2.76 15.39 17.67
N SER A 419 3.45 14.56 16.91
CA SER A 419 4.80 14.88 16.44
C SER A 419 4.81 16.15 15.61
N CYS A 420 3.68 16.43 14.97
CA CYS A 420 3.55 17.62 14.15
C CYS A 420 3.56 18.90 14.98
N TRP A 421 3.34 18.77 16.28
CA TRP A 421 3.11 19.92 17.15
C TRP A 421 4.30 20.27 18.06
N HIS A 422 5.48 19.74 17.75
CA HIS A 422 6.66 20.09 18.52
C HIS A 422 6.92 21.58 18.44
N GLU A 423 7.18 22.20 19.59
CA GLU A 423 7.29 23.65 19.67
C GLU A 423 8.40 24.18 18.77
N LYS A 424 9.47 23.41 18.63
CA LYS A 424 10.54 23.73 17.69
C LYS A 424 10.20 23.20 16.30
N ALA A 425 10.31 24.09 15.31
CA ALA A 425 9.95 23.76 13.94
C ALA A 425 10.77 22.61 13.36
N ASP A 426 12.10 22.75 13.42
CA ASP A 426 13.00 21.80 12.77
C ASP A 426 12.92 20.40 13.41
N GLU A 427 12.30 20.31 14.58
CA GLU A 427 12.14 19.03 15.26
C GLU A 427 10.89 18.29 14.80
N ARG A 428 10.05 18.95 14.02
CA ARG A 428 8.83 18.33 13.52
C ARG A 428 9.17 17.43 12.33
N PRO A 429 8.41 16.33 12.17
CA PRO A 429 8.65 15.46 11.02
C PRO A 429 8.46 16.17 9.69
N SER A 430 8.90 15.53 8.61
CA SER A 430 8.61 15.99 7.26
C SER A 430 7.40 15.21 6.77
N PHE A 431 6.81 15.64 5.66
CA PHE A 431 5.67 14.91 5.11
C PHE A 431 6.14 13.58 4.54
N LYS A 432 7.40 13.53 4.11
CA LYS A 432 8.03 12.28 3.73
C LYS A 432 7.98 11.31 4.90
N ILE A 433 8.47 11.77 6.05
CA ILE A 433 8.49 10.95 7.26
C ILE A 433 7.09 10.56 7.72
N LEU A 434 6.21 11.54 7.85
CA LEU A 434 4.83 11.29 8.25
C LEU A 434 4.15 10.25 7.35
N LEU A 435 4.31 10.41 6.04
CA LEU A 435 3.74 9.47 5.08
C LEU A 435 4.20 8.06 5.41
N SER A 436 5.50 7.92 5.67
CA SER A 436 6.07 6.63 6.06
C SER A 436 5.43 6.11 7.33
N ASN A 437 5.29 6.97 8.33
CA ASN A 437 4.70 6.58 9.60
C ASN A 437 3.24 6.15 9.46
N ILE A 438 2.49 6.81 8.59
CA ILE A 438 1.07 6.51 8.42
C ILE A 438 0.88 5.16 7.73
N LEU A 439 1.59 4.95 6.62
CA LEU A 439 1.54 3.67 5.92
C LEU A 439 1.95 2.54 6.85
N ASP A 440 2.74 2.88 7.86
CA ASP A 440 3.24 1.90 8.82
C ASP A 440 2.16 1.39 9.77
N VAL A 441 1.32 2.28 10.28
CA VAL A 441 0.29 1.88 11.24
C VAL A 441 -0.93 1.35 10.48
N MET A 442 -1.09 1.78 9.23
CA MET A 442 -2.14 1.25 8.37
C MET A 442 -2.01 -0.27 8.26
N ASP A 443 -0.77 -0.76 8.22
CA ASP A 443 -0.50 -2.20 8.26
C ASP A 443 -1.11 -2.84 9.49
N GLU A 444 -1.00 -2.15 10.62
CA GLU A 444 -1.46 -2.64 11.92
C GLU A 444 -0.65 -3.85 12.37
#